data_5GT9
#
_entry.id   5GT9
#
_cell.length_a   72.730
_cell.length_b   72.730
_cell.length_c   171.310
_cell.angle_alpha   90.00
_cell.angle_beta   90.00
_cell.angle_gamma   90.00
#
_symmetry.space_group_name_H-M   'P 41 21 2'
#
loop_
_entity.id
_entity.type
_entity.pdbx_description
1 polymer 'Oxidoreductase, short chain dehydrogenase/reductase family protein'
2 non-polymer 'NADP NICOTINAMIDE-ADENINE-DINUCLEOTIDE PHOSPHATE'
3 water water
#
_entity_poly.entity_id   1
_entity_poly.type   'polypeptide(L)'
_entity_poly.pdbx_seq_one_letter_code
;MNLREKYGEWGLILGATEGVGKAFCEKIAAGGMNVVMVGRREEKLNVLAGEIRETYGVETKVVRADFSQPGAAETVFAAT
EGLDMGFMSYVACLHSFGKIQDTPWEKHEAMINVNVVTFLKCFHHYMRIFAAQDRGAVINVSSMTGISSSPWNGQYGAGK
AFILKMTEAVACECEGTGVDVEVITLGTTLTPSLLSNLPGGPQGEAVMKIALTPEECVDEAFEKLGKELSVIAGQRNKDS
VHDWKANHTEDEYIRYMGSFYRD
;
_entity_poly.pdbx_strand_id   A,B
#
loop_
_chem_comp.id
_chem_comp.type
_chem_comp.name
_chem_comp.formula
NAP non-polymer 'NADP NICOTINAMIDE-ADENINE-DINUCLEOTIDE PHOSPHATE' 'C21 H28 N7 O17 P3'
#
# COMPACT_ATOMS: atom_id res chain seq x y z
N MET A 1 20.74 2.61 -26.23
CA MET A 1 20.89 1.12 -26.13
C MET A 1 20.15 0.59 -24.89
N ASN A 2 19.25 -0.38 -25.06
CA ASN A 2 18.42 -0.79 -23.91
C ASN A 2 19.12 -1.87 -23.02
N LEU A 3 18.48 -2.23 -21.92
CA LEU A 3 19.10 -3.14 -20.99
C LEU A 3 19.32 -4.46 -21.60
N ARG A 4 18.32 -4.92 -22.39
CA ARG A 4 18.42 -6.22 -23.01
C ARG A 4 19.63 -6.26 -23.86
N GLU A 5 19.81 -5.21 -24.63
CA GLU A 5 20.92 -5.19 -25.57
C GLU A 5 22.25 -5.07 -24.87
N LYS A 6 22.26 -4.33 -23.77
CA LYS A 6 23.51 -4.10 -23.05
C LYS A 6 23.97 -5.35 -22.24
N TYR A 7 23.02 -6.09 -21.69
CA TYR A 7 23.36 -7.09 -20.68
C TYR A 7 22.96 -8.53 -20.99
N GLY A 8 21.79 -8.70 -21.62
CA GLY A 8 21.26 -10.02 -21.93
C GLY A 8 19.78 -10.15 -21.96
N GLU A 9 19.29 -11.35 -22.30
CA GLU A 9 17.88 -11.54 -22.57
C GLU A 9 17.00 -11.49 -21.35
N TRP A 10 17.48 -12.04 -20.25
CA TRP A 10 16.63 -12.28 -19.09
C TRP A 10 17.24 -11.65 -17.84
N GLY A 11 16.38 -11.02 -17.05
CA GLY A 11 16.76 -10.69 -15.66
C GLY A 11 16.04 -11.47 -14.64
N LEU A 12 16.73 -11.77 -13.54
CA LEU A 12 16.25 -12.63 -12.49
C LEU A 12 16.02 -11.82 -11.20
N ILE A 13 14.77 -11.73 -10.75
CA ILE A 13 14.43 -10.95 -9.59
C ILE A 13 14.14 -11.92 -8.47
N LEU A 14 15.06 -11.95 -7.50
CA LEU A 14 15.00 -12.87 -6.39
C LEU A 14 14.21 -12.25 -5.20
N GLY A 15 12.91 -12.55 -5.20
CA GLY A 15 11.98 -11.87 -4.31
C GLY A 15 11.20 -10.85 -5.08
N ALA A 16 10.24 -11.28 -5.89
CA ALA A 16 9.71 -10.45 -6.98
C ALA A 16 8.30 -9.94 -6.81
N THR A 17 7.57 -10.48 -5.83
CA THR A 17 6.13 -10.44 -5.89
C THR A 17 5.54 -9.02 -5.64
N GLU A 18 6.23 -8.24 -4.79
CA GLU A 18 5.73 -6.93 -4.43
C GLU A 18 6.88 -6.01 -4.11
N GLY A 19 6.55 -4.78 -3.77
CA GLY A 19 7.53 -3.83 -3.21
C GLY A 19 8.62 -3.50 -4.21
N VAL A 20 9.86 -3.52 -3.72
CA VAL A 20 11.01 -3.25 -4.53
C VAL A 20 11.24 -4.33 -5.58
N GLY A 21 10.96 -5.59 -5.23
CA GLY A 21 11.08 -6.67 -6.22
C GLY A 21 10.18 -6.49 -7.41
N LYS A 22 8.91 -6.18 -7.15
CA LYS A 22 7.95 -5.87 -8.21
C LYS A 22 8.45 -4.71 -9.04
N ALA A 23 8.93 -3.64 -8.40
CA ALA A 23 9.45 -2.53 -9.18
C ALA A 23 10.64 -2.88 -10.05
N PHE A 24 11.51 -3.76 -9.60
CA PHE A 24 12.64 -4.23 -10.44
C PHE A 24 12.08 -4.99 -11.66
N CYS A 25 11.03 -5.79 -11.46
CA CYS A 25 10.46 -6.56 -12.58
C CYS A 25 9.95 -5.64 -13.67
N GLU A 26 9.19 -4.64 -13.23
CA GLU A 26 8.62 -3.63 -14.15
C GLU A 26 9.72 -2.83 -14.84
N LYS A 27 10.74 -2.44 -14.08
CA LYS A 27 11.83 -1.64 -14.62
C LYS A 27 12.66 -2.33 -15.70
N ILE A 28 13.05 -3.58 -15.43
CA ILE A 28 13.80 -4.29 -16.44
C ILE A 28 12.97 -4.59 -17.70
N ALA A 29 11.69 -4.85 -17.49
CA ALA A 29 10.75 -5.06 -18.61
C ALA A 29 10.60 -3.77 -19.44
N ALA A 30 10.53 -2.64 -18.75
CA ALA A 30 10.55 -1.34 -19.44
C ALA A 30 11.83 -1.15 -20.27
N GLY A 31 12.92 -1.78 -19.83
CA GLY A 31 14.15 -1.77 -20.61
C GLY A 31 14.36 -2.83 -21.63
N GLY A 32 13.32 -3.64 -21.88
CA GLY A 32 13.32 -4.63 -22.91
C GLY A 32 13.72 -6.03 -22.48
N MET A 33 14.01 -6.21 -21.19
CA MET A 33 14.45 -7.51 -20.71
C MET A 33 13.26 -8.43 -20.41
N ASN A 34 13.42 -9.70 -20.70
CA ASN A 34 12.50 -10.70 -20.19
C ASN A 34 12.77 -10.92 -18.70
N VAL A 35 11.75 -11.34 -17.97
CA VAL A 35 11.83 -11.36 -16.48
C VAL A 35 11.54 -12.74 -15.91
N VAL A 36 12.53 -13.27 -15.12
CA VAL A 36 12.31 -14.44 -14.29
C VAL A 36 11.99 -13.93 -12.90
N MET A 37 10.77 -14.22 -12.47
CA MET A 37 10.26 -13.67 -11.22
C MET A 37 10.10 -14.73 -10.19
N VAL A 38 10.85 -14.59 -9.06
CA VAL A 38 10.93 -15.62 -8.07
C VAL A 38 10.34 -15.12 -6.74
N GLY A 39 9.46 -15.96 -6.16
CA GLY A 39 8.85 -15.67 -4.87
C GLY A 39 7.99 -16.78 -4.37
N ARG A 40 7.44 -16.60 -3.19
CA ARG A 40 6.64 -17.69 -2.56
C ARG A 40 5.20 -17.74 -3.06
N ARG A 41 4.62 -16.58 -3.40
CA ARG A 41 3.22 -16.54 -3.76
C ARG A 41 3.03 -16.73 -5.27
N GLU A 42 2.93 -17.97 -5.68
CA GLU A 42 2.94 -18.32 -7.09
C GLU A 42 1.78 -17.74 -7.88
N GLU A 43 0.55 -17.80 -7.36
CA GLU A 43 -0.55 -17.25 -8.13
C GLU A 43 -0.46 -15.74 -8.28
N LYS A 44 -0.02 -15.07 -7.22
CA LYS A 44 0.23 -13.60 -7.29
C LYS A 44 1.32 -13.26 -8.30
N LEU A 45 2.39 -14.06 -8.32
CA LEU A 45 3.46 -13.88 -9.37
C LEU A 45 2.90 -14.08 -10.77
N ASN A 46 2.07 -15.08 -10.98
CA ASN A 46 1.38 -15.23 -12.26
C ASN A 46 0.61 -14.04 -12.72
N VAL A 47 -0.11 -13.41 -11.79
CA VAL A 47 -0.90 -12.21 -12.12
C VAL A 47 0.03 -11.07 -12.57
N LEU A 48 1.06 -10.84 -11.77
CA LEU A 48 2.05 -9.85 -12.06
C LEU A 48 2.73 -10.13 -13.39
N ALA A 49 3.09 -11.38 -13.61
CA ALA A 49 3.73 -11.75 -14.85
C ALA A 49 2.84 -11.39 -16.07
N GLY A 50 1.54 -11.65 -15.94
CA GLY A 50 0.59 -11.33 -16.98
C GLY A 50 0.56 -9.84 -17.27
N GLU A 51 0.53 -9.04 -16.19
CA GLU A 51 0.45 -7.61 -16.31
C GLU A 51 1.69 -7.09 -16.99
N ILE A 52 2.86 -7.62 -16.61
CA ILE A 52 4.10 -7.18 -17.21
C ILE A 52 4.16 -7.53 -18.71
N ARG A 53 3.72 -8.72 -19.06
CA ARG A 53 3.80 -9.11 -20.46
C ARG A 53 2.89 -8.21 -21.29
N GLU A 54 1.74 -7.89 -20.74
CA GLU A 54 0.75 -7.07 -21.45
C GLU A 54 1.24 -5.61 -21.60
N THR A 55 1.78 -5.08 -20.52
CA THR A 55 2.20 -3.71 -20.54
C THR A 55 3.43 -3.52 -21.37
N TYR A 56 4.42 -4.41 -21.24
CA TYR A 56 5.73 -4.17 -21.82
C TYR A 56 6.08 -5.04 -23.00
N GLY A 57 5.27 -6.05 -23.30
CA GLY A 57 5.56 -6.97 -24.39
C GLY A 57 6.84 -7.78 -24.29
N VAL A 58 7.23 -8.20 -23.08
CA VAL A 58 8.41 -9.05 -22.95
C VAL A 58 7.90 -10.40 -22.43
N GLU A 59 8.78 -11.38 -22.35
CA GLU A 59 8.43 -12.69 -21.82
C GLU A 59 8.71 -12.74 -20.31
N THR A 60 7.98 -13.60 -19.65
CA THR A 60 8.11 -13.73 -18.21
C THR A 60 8.16 -15.20 -17.84
N LYS A 61 8.71 -15.54 -16.67
CA LYS A 61 8.74 -16.90 -16.20
CA LYS A 61 8.73 -16.89 -16.20
C LYS A 61 8.59 -16.77 -14.69
N VAL A 62 7.75 -17.60 -14.10
CA VAL A 62 7.48 -17.56 -12.66
C VAL A 62 8.11 -18.77 -12.03
N VAL A 63 8.84 -18.53 -10.95
CA VAL A 63 9.47 -19.58 -10.22
C VAL A 63 9.03 -19.52 -8.76
N ARG A 64 8.39 -20.56 -8.27
CA ARG A 64 8.07 -20.57 -6.88
C ARG A 64 9.19 -21.11 -6.02
N ALA A 65 9.69 -20.33 -5.07
CA ALA A 65 10.73 -20.80 -4.18
C ALA A 65 10.69 -20.04 -2.86
N ASP A 66 11.15 -20.70 -1.82
CA ASP A 66 11.19 -20.11 -0.49
C ASP A 66 12.62 -20.12 -0.01
N PHE A 67 13.24 -18.91 -0.02
CA PHE A 67 14.67 -18.77 0.22
C PHE A 67 15.06 -19.11 1.65
N SER A 68 14.08 -19.27 2.56
CA SER A 68 14.36 -19.71 3.95
C SER A 68 14.66 -21.23 4.05
N GLN A 69 14.41 -21.94 2.95
CA GLN A 69 14.56 -23.39 2.89
C GLN A 69 15.82 -23.77 2.14
N PRO A 70 16.57 -24.76 2.69
CA PRO A 70 17.67 -25.31 1.92
C PRO A 70 17.14 -25.94 0.62
N GLY A 71 17.91 -25.80 -0.44
CA GLY A 71 17.46 -26.22 -1.76
C GLY A 71 16.72 -25.21 -2.59
N ALA A 72 16.36 -24.06 -2.00
CA ALA A 72 15.66 -23.00 -2.81
C ALA A 72 16.56 -22.53 -3.97
N ALA A 73 17.82 -22.26 -3.69
CA ALA A 73 18.69 -21.69 -4.72
C ALA A 73 18.78 -22.68 -5.87
N GLU A 74 18.89 -23.96 -5.54
CA GLU A 74 19.04 -24.99 -6.60
C GLU A 74 17.80 -25.05 -7.49
N THR A 75 16.61 -24.83 -6.91
CA THR A 75 15.40 -24.72 -7.71
C THR A 75 15.46 -23.59 -8.74
N VAL A 76 16.05 -22.46 -8.36
CA VAL A 76 16.14 -21.31 -9.25
C VAL A 76 17.19 -21.62 -10.34
N PHE A 77 18.26 -22.24 -9.93
CA PHE A 77 19.37 -22.54 -10.92
C PHE A 77 18.82 -23.42 -12.02
N ALA A 78 18.02 -24.40 -11.63
CA ALA A 78 17.48 -25.33 -12.60
C ALA A 78 16.53 -24.59 -13.53
N ALA A 79 15.73 -23.71 -12.96
CA ALA A 79 14.77 -22.97 -13.73
C ALA A 79 15.31 -22.03 -14.77
N THR A 80 16.56 -21.54 -14.62
CA THR A 80 17.11 -20.61 -15.56
C THR A 80 18.12 -21.31 -16.53
N GLU A 81 18.28 -22.64 -16.41
CA GLU A 81 19.19 -23.37 -17.27
C GLU A 81 18.82 -23.14 -18.69
N GLY A 82 19.77 -22.72 -19.50
CA GLY A 82 19.60 -22.52 -20.90
C GLY A 82 19.22 -21.09 -21.30
N LEU A 83 18.76 -20.26 -20.35
CA LEU A 83 18.42 -18.88 -20.66
C LEU A 83 19.65 -18.00 -20.74
N ASP A 84 19.56 -16.95 -21.58
CA ASP A 84 20.65 -15.99 -21.68
C ASP A 84 20.38 -14.96 -20.59
N MET A 85 21.17 -15.03 -19.54
CA MET A 85 20.98 -14.21 -18.36
C MET A 85 21.76 -12.92 -18.46
N GLY A 86 21.12 -11.81 -18.13
CA GLY A 86 21.83 -10.57 -18.13
C GLY A 86 21.77 -9.77 -16.85
N PHE A 87 20.86 -10.10 -15.96
CA PHE A 87 20.66 -9.31 -14.71
C PHE A 87 20.20 -10.19 -13.57
N MET A 88 20.76 -9.91 -12.46
CA MET A 88 20.14 -10.44 -11.14
CA MET A 88 20.12 -10.46 -11.25
C MET A 88 19.99 -9.33 -9.98
N SER A 89 18.90 -9.50 -9.23
CA SER A 89 18.72 -8.64 -8.07
C SER A 89 18.29 -9.51 -6.88
N TYR A 90 19.03 -9.48 -5.78
CA TYR A 90 18.54 -10.11 -4.58
C TYR A 90 17.79 -9.09 -3.70
N VAL A 91 16.52 -9.38 -3.48
CA VAL A 91 15.63 -8.42 -2.83
C VAL A 91 15.05 -8.95 -1.56
N ALA A 92 14.75 -10.26 -1.51
CA ALA A 92 14.09 -10.86 -0.35
C ALA A 92 14.82 -10.65 0.94
N CYS A 93 14.06 -10.41 2.01
CA CYS A 93 14.66 -10.26 3.33
C CYS A 93 13.71 -10.86 4.35
N LEU A 94 14.26 -11.52 5.36
CA LEU A 94 13.43 -11.99 6.48
C LEU A 94 14.03 -11.40 7.75
N HIS A 95 13.15 -10.80 8.57
CA HIS A 95 13.57 -10.43 9.92
C HIS A 95 12.47 -10.80 10.91
N SER A 96 12.77 -10.75 12.19
CA SER A 96 11.81 -11.27 13.18
C SER A 96 12.12 -10.61 14.50
N PHE A 97 11.28 -9.66 14.87
CA PHE A 97 11.49 -8.86 16.09
C PHE A 97 11.70 -9.71 17.35
N GLY A 98 12.64 -9.29 18.19
CA GLY A 98 12.98 -9.98 19.40
C GLY A 98 14.44 -9.76 19.78
N LYS A 99 14.70 -9.61 21.07
CA LYS A 99 16.06 -9.77 21.57
C LYS A 99 16.62 -11.14 21.12
N ILE A 100 17.95 -11.25 20.96
CA ILE A 100 18.56 -12.45 20.45
C ILE A 100 18.08 -13.74 21.17
N GLN A 101 18.05 -13.69 22.52
CA GLN A 101 17.68 -14.81 23.32
C GLN A 101 16.19 -15.17 23.24
N ASP A 102 15.35 -14.26 22.77
CA ASP A 102 13.90 -14.47 22.79
C ASP A 102 13.42 -15.03 21.43
N THR A 103 14.32 -15.10 20.46
CA THR A 103 14.00 -15.65 19.14
C THR A 103 14.53 -17.06 19.06
N PRO A 104 13.67 -18.06 18.70
CA PRO A 104 14.14 -19.45 18.69
C PRO A 104 15.15 -19.72 17.56
N TRP A 105 15.99 -20.70 17.76
CA TRP A 105 17.02 -21.00 16.77
C TRP A 105 16.41 -21.26 15.38
N GLU A 106 15.25 -21.91 15.33
CA GLU A 106 14.64 -22.23 14.05
C GLU A 106 14.38 -20.95 13.24
N LYS A 107 13.98 -19.85 13.88
CA LYS A 107 13.76 -18.58 13.23
C LYS A 107 15.09 -17.93 12.85
N HIS A 108 16.08 -18.01 13.74
CA HIS A 108 17.42 -17.55 13.42
C HIS A 108 17.96 -18.28 12.19
N GLU A 109 17.75 -19.57 12.10
CA GLU A 109 18.22 -20.34 10.95
C GLU A 109 17.51 -19.90 9.65
N ALA A 110 16.25 -19.61 9.76
CA ALA A 110 15.46 -19.12 8.60
C ALA A 110 16.00 -17.79 8.09
N MET A 111 16.35 -16.92 9.03
CA MET A 111 16.91 -15.62 8.68
C MET A 111 18.28 -15.73 8.02
N ILE A 112 19.14 -16.57 8.60
CA ILE A 112 20.42 -16.90 7.97
C ILE A 112 20.17 -17.38 6.53
N ASN A 113 19.20 -18.24 6.32
CA ASN A 113 19.01 -18.78 4.98
C ASN A 113 18.59 -17.71 4.00
N VAL A 114 17.68 -16.86 4.40
CA VAL A 114 17.16 -15.82 3.47
C VAL A 114 18.26 -14.76 3.22
N ASN A 115 18.87 -14.29 4.29
CA ASN A 115 19.68 -13.06 4.18
C ASN A 115 21.12 -13.33 3.81
N VAL A 116 21.58 -14.55 4.06
CA VAL A 116 23.01 -14.85 3.94
C VAL A 116 23.22 -16.02 2.97
N VAL A 117 22.61 -17.21 3.23
CA VAL A 117 23.04 -18.42 2.53
C VAL A 117 22.42 -18.45 1.12
N THR A 118 21.11 -18.34 1.05
CA THR A 118 20.46 -18.31 -0.25
C THR A 118 20.95 -17.11 -1.08
N PHE A 119 21.07 -15.96 -0.40
CA PHE A 119 21.68 -14.75 -1.02
C PHE A 119 23.02 -15.10 -1.66
N LEU A 120 23.95 -15.67 -0.85
CA LEU A 120 25.32 -15.90 -1.40
C LEU A 120 25.30 -16.99 -2.48
N LYS A 121 24.48 -18.02 -2.30
CA LYS A 121 24.46 -19.09 -3.31
C LYS A 121 24.09 -18.51 -4.65
N CYS A 122 23.09 -17.70 -4.67
CA CYS A 122 22.57 -17.10 -5.90
C CYS A 122 23.60 -16.10 -6.47
N PHE A 123 24.21 -15.27 -5.61
CA PHE A 123 25.16 -14.25 -6.03
C PHE A 123 26.32 -14.93 -6.68
N HIS A 124 26.82 -16.01 -6.00
CA HIS A 124 27.98 -16.77 -6.50
C HIS A 124 27.65 -17.40 -7.86
N HIS A 125 26.54 -18.14 -7.92
CA HIS A 125 26.17 -18.82 -9.17
C HIS A 125 26.03 -17.90 -10.36
N TYR A 126 25.31 -16.81 -10.22
CA TYR A 126 25.06 -15.94 -11.33
C TYR A 126 26.26 -15.06 -11.63
N MET A 127 27.06 -14.75 -10.60
CA MET A 127 28.37 -14.09 -10.93
C MET A 127 29.30 -15.04 -11.72
N ARG A 128 29.26 -16.31 -11.47
CA ARG A 128 30.10 -17.23 -12.24
C ARG A 128 29.61 -17.15 -13.72
N ILE A 129 28.31 -17.13 -13.92
CA ILE A 129 27.72 -16.96 -15.28
C ILE A 129 28.12 -15.63 -15.91
N PHE A 130 27.90 -14.54 -15.20
CA PHE A 130 28.11 -13.18 -15.73
C PHE A 130 29.60 -12.97 -15.99
N ALA A 131 30.44 -13.39 -15.06
CA ALA A 131 31.87 -13.15 -15.21
C ALA A 131 32.44 -13.97 -16.38
N ALA A 132 31.92 -15.18 -16.60
CA ALA A 132 32.43 -16.03 -17.72
C ALA A 132 32.09 -15.45 -19.08
N GLN A 133 30.87 -14.97 -19.25
CA GLN A 133 30.46 -14.33 -20.50
C GLN A 133 30.92 -12.86 -20.58
N ASP A 134 31.54 -12.38 -19.50
CA ASP A 134 31.95 -10.99 -19.37
C ASP A 134 30.88 -9.99 -19.70
N ARG A 135 29.66 -10.23 -19.17
CA ARG A 135 28.56 -9.40 -19.46
C ARG A 135 27.46 -9.69 -18.45
N GLY A 136 26.91 -8.64 -17.88
CA GLY A 136 25.77 -8.84 -16.96
C GLY A 136 25.75 -7.70 -15.93
N ALA A 137 24.71 -7.73 -15.13
CA ALA A 137 24.58 -6.76 -14.04
C ALA A 137 23.87 -7.31 -12.82
N VAL A 138 24.27 -6.79 -11.65
CA VAL A 138 23.68 -7.18 -10.41
C VAL A 138 23.40 -5.94 -9.58
N ILE A 139 22.16 -5.81 -9.08
CA ILE A 139 21.86 -4.76 -8.09
C ILE A 139 21.23 -5.47 -6.91
N ASN A 140 21.97 -5.48 -5.78
CA ASN A 140 21.43 -6.06 -4.55
C ASN A 140 20.89 -4.97 -3.65
N VAL A 141 19.94 -5.32 -2.83
CA VAL A 141 19.22 -4.37 -1.99
C VAL A 141 19.63 -4.57 -0.54
N SER A 142 20.00 -3.47 0.09
CA SER A 142 20.25 -3.44 1.52
C SER A 142 19.28 -2.46 2.19
N SER A 143 19.44 -2.28 3.49
CA SER A 143 18.52 -1.49 4.32
C SER A 143 19.33 -0.59 5.21
N MET A 144 18.68 0.48 5.63
CA MET A 144 19.31 1.41 6.53
C MET A 144 19.84 0.71 7.78
N THR A 145 19.12 -0.32 8.23
CA THR A 145 19.54 -1.06 9.42
C THR A 145 20.91 -1.75 9.23
N GLY A 146 21.34 -1.93 7.97
CA GLY A 146 22.66 -2.49 7.70
C GLY A 146 23.77 -1.52 8.05
N ILE A 147 23.39 -0.24 8.12
CA ILE A 147 24.28 0.82 8.56
C ILE A 147 24.17 1.10 10.04
N SER A 148 22.94 1.21 10.55
CA SER A 148 22.70 1.62 11.91
C SER A 148 22.84 0.54 12.94
N SER A 149 22.64 -0.73 12.55
CA SER A 149 22.29 -1.88 13.39
C SER A 149 20.85 -1.84 13.85
N SER A 150 20.33 -2.96 14.30
CA SER A 150 18.92 -3.03 14.66
C SER A 150 18.71 -3.75 15.97
N PRO A 151 19.04 -3.08 17.10
CA PRO A 151 18.61 -3.53 18.42
C PRO A 151 17.17 -4.06 18.48
N TRP A 152 16.99 -5.17 19.13
CA TRP A 152 15.69 -5.83 19.22
C TRP A 152 15.26 -6.54 17.92
N ASN A 153 16.12 -6.51 16.93
CA ASN A 153 15.88 -7.29 15.74
C ASN A 153 17.23 -7.50 15.04
N GLY A 154 18.21 -7.99 15.78
CA GLY A 154 19.57 -7.93 15.35
C GLY A 154 19.93 -8.50 13.98
N GLN A 155 19.31 -9.62 13.64
CA GLN A 155 19.58 -10.20 12.32
C GLN A 155 19.16 -9.38 11.11
N TYR A 156 18.22 -8.48 11.25
CA TYR A 156 17.86 -7.58 10.16
C TYR A 156 19.07 -6.76 9.73
N GLY A 157 19.63 -6.00 10.66
CA GLY A 157 20.82 -5.23 10.33
C GLY A 157 22.00 -6.09 9.97
N ALA A 158 22.15 -7.21 10.67
CA ALA A 158 23.28 -8.08 10.49
C ALA A 158 23.32 -8.69 9.09
N GLY A 159 22.17 -9.26 8.71
CA GLY A 159 22.03 -9.83 7.36
C GLY A 159 22.16 -8.76 6.27
N LYS A 160 21.61 -7.57 6.52
CA LYS A 160 21.64 -6.51 5.50
C LYS A 160 23.09 -5.97 5.37
N ALA A 161 23.84 -5.98 6.46
CA ALA A 161 25.23 -5.57 6.41
C ALA A 161 26.07 -6.61 5.65
N PHE A 162 25.76 -7.91 5.78
CA PHE A 162 26.47 -8.95 5.02
C PHE A 162 26.23 -8.67 3.54
N ILE A 163 24.98 -8.45 3.18
CA ILE A 163 24.62 -8.19 1.76
C ILE A 163 25.38 -6.92 1.29
N LEU A 164 25.36 -5.88 2.11
CA LEU A 164 25.99 -4.63 1.77
C LEU A 164 27.47 -4.82 1.51
N LYS A 165 28.20 -5.37 2.50
CA LYS A 165 29.65 -5.46 2.35
C LYS A 165 30.08 -6.48 1.34
N MET A 166 29.30 -7.57 1.16
CA MET A 166 29.63 -8.48 0.08
C MET A 166 29.50 -7.84 -1.28
N THR A 167 28.44 -7.09 -1.44
CA THR A 167 28.10 -6.51 -2.76
C THR A 167 29.07 -5.35 -3.04
N GLU A 168 29.42 -4.58 -2.01
CA GLU A 168 30.42 -3.53 -2.19
C GLU A 168 31.71 -4.14 -2.69
N ALA A 169 32.18 -5.23 -2.05
CA ALA A 169 33.43 -5.88 -2.46
C ALA A 169 33.34 -6.29 -3.90
N VAL A 170 32.26 -6.96 -4.26
CA VAL A 170 32.18 -7.49 -5.63
C VAL A 170 32.04 -6.35 -6.65
N ALA A 171 31.39 -5.26 -6.24
CA ALA A 171 31.22 -4.09 -7.11
C ALA A 171 32.61 -3.50 -7.47
N CYS A 172 33.52 -3.52 -6.49
CA CYS A 172 34.87 -3.01 -6.71
C CYS A 172 35.62 -3.98 -7.66
N GLU A 173 35.40 -5.31 -7.48
CA GLU A 173 36.00 -6.34 -8.30
C GLU A 173 35.62 -6.27 -9.76
N CYS A 174 34.41 -5.83 -9.99
CA CYS A 174 33.79 -5.89 -11.31
C CYS A 174 34.00 -4.62 -12.14
N GLU A 175 34.60 -3.57 -11.55
CA GLU A 175 34.91 -2.38 -12.36
C GLU A 175 36.04 -2.71 -13.35
N GLY A 176 35.84 -2.41 -14.62
CA GLY A 176 36.81 -2.84 -15.58
C GLY A 176 36.48 -4.15 -16.19
N THR A 177 35.33 -4.68 -15.82
CA THR A 177 34.80 -5.83 -16.54
C THR A 177 33.45 -5.47 -17.19
N GLY A 178 32.92 -6.41 -17.98
CA GLY A 178 31.64 -6.26 -18.63
C GLY A 178 30.48 -6.57 -17.67
N VAL A 179 30.81 -6.86 -16.42
CA VAL A 179 29.78 -7.02 -15.38
C VAL A 179 29.68 -5.78 -14.51
N ASP A 180 28.45 -5.25 -14.28
CA ASP A 180 28.25 -4.00 -13.54
C ASP A 180 27.47 -4.35 -12.31
N VAL A 181 28.09 -4.17 -11.13
CA VAL A 181 27.48 -4.50 -9.85
C VAL A 181 27.29 -3.25 -8.98
N GLU A 182 26.15 -3.19 -8.31
CA GLU A 182 25.77 -2.08 -7.43
C GLU A 182 24.98 -2.61 -6.25
N VAL A 183 25.17 -2.02 -5.07
CA VAL A 183 24.20 -2.23 -3.98
C VAL A 183 23.49 -0.90 -3.71
N ILE A 184 22.24 -0.99 -3.46
CA ILE A 184 21.49 0.22 -3.06
C ILE A 184 20.89 -0.01 -1.71
N THR A 185 21.10 0.98 -0.82
CA THR A 185 20.62 0.95 0.53
C THR A 185 19.31 1.76 0.68
N LEU A 186 18.25 1.14 1.16
CA LEU A 186 16.95 1.77 1.20
C LEU A 186 16.56 2.14 2.64
N GLY A 187 15.77 3.21 2.71
CA GLY A 187 15.12 3.63 3.94
C GLY A 187 13.67 3.25 3.86
N THR A 188 12.80 4.13 4.37
CA THR A 188 11.38 3.87 4.39
C THR A 188 10.84 3.79 2.96
N THR A 189 10.17 2.69 2.65
CA THR A 189 9.66 2.45 1.30
C THR A 189 8.15 2.41 1.37
N LEU A 190 7.54 3.11 0.44
CA LEU A 190 6.08 3.29 0.47
C LEU A 190 5.36 2.12 -0.16
N THR A 191 4.92 1.23 0.69
CA THR A 191 4.23 0.03 0.32
C THR A 191 2.76 0.28 0.58
N PRO A 192 1.90 -0.67 0.19
CA PRO A 192 0.47 -0.30 0.12
C PRO A 192 -0.13 0.09 1.47
N SER A 193 0.19 -0.63 2.54
CA SER A 193 -0.37 -0.28 3.87
C SER A 193 0.20 1.00 4.46
N LEU A 194 1.48 1.17 4.28
CA LEU A 194 2.15 2.37 4.81
C LEU A 194 1.63 3.61 4.15
N LEU A 195 1.42 3.51 2.83
CA LEU A 195 0.87 4.63 2.11
C LEU A 195 -0.44 5.06 2.67
N SER A 196 -1.26 4.11 3.13
CA SER A 196 -2.59 4.50 3.61
C SER A 196 -2.57 5.13 4.98
N ASN A 197 -1.38 5.24 5.59
CA ASN A 197 -1.19 5.99 6.83
C ASN A 197 -0.44 7.27 6.60
N LEU A 198 -0.60 7.90 5.44
CA LEU A 198 -0.17 9.28 5.28
C LEU A 198 -0.98 10.27 6.09
N PRO A 199 -0.31 11.20 6.80
CA PRO A 199 -1.04 12.16 7.65
C PRO A 199 -1.90 13.21 6.93
N GLY A 200 -1.74 13.41 5.62
CA GLY A 200 -2.46 14.52 4.91
C GLY A 200 -1.65 15.82 4.84
N GLY A 201 -0.99 16.13 5.94
CA GLY A 201 -0.03 17.15 5.96
C GLY A 201 -0.26 18.64 6.26
N PRO A 202 0.58 19.48 5.65
CA PRO A 202 1.70 18.93 4.88
C PRO A 202 2.74 18.17 5.71
N GLN A 203 2.33 17.66 6.88
CA GLN A 203 3.06 16.54 7.46
C GLN A 203 3.18 15.39 6.43
N GLY A 204 2.13 15.15 5.64
CA GLY A 204 2.19 14.19 4.55
C GLY A 204 3.29 14.50 3.56
N GLU A 205 3.35 15.74 3.08
CA GLU A 205 4.43 16.14 2.14
C GLU A 205 5.80 15.95 2.75
N ALA A 206 5.93 16.23 4.03
CA ALA A 206 7.18 16.13 4.72
C ALA A 206 7.66 14.69 4.76
N VAL A 207 6.76 13.79 5.09
CA VAL A 207 7.05 12.34 5.05
C VAL A 207 7.43 11.92 3.63
N MET A 208 6.67 12.36 2.63
CA MET A 208 6.96 11.97 1.26
C MET A 208 8.29 12.45 0.70
N LYS A 209 8.85 13.51 1.26
CA LYS A 209 10.18 13.99 0.85
C LYS A 209 11.33 13.09 1.29
N ILE A 210 11.06 12.22 2.26
CA ILE A 210 12.04 11.27 2.80
C ILE A 210 11.79 9.84 2.33
N ALA A 211 10.52 9.40 2.47
CA ALA A 211 10.14 8.05 2.06
C ALA A 211 10.06 7.93 0.56
N LEU A 212 10.55 6.82 0.01
CA LEU A 212 10.48 6.62 -1.44
CA LEU A 212 10.49 6.62 -1.44
C LEU A 212 9.52 5.51 -1.86
N THR A 213 8.94 5.68 -3.06
CA THR A 213 8.25 4.59 -3.64
C THR A 213 9.26 3.59 -4.15
N PRO A 214 8.85 2.32 -4.25
CA PRO A 214 9.74 1.35 -4.91
C PRO A 214 10.23 1.81 -6.25
N GLU A 215 9.34 2.41 -7.05
CA GLU A 215 9.76 2.86 -8.36
C GLU A 215 10.92 3.85 -8.30
N GLU A 216 10.84 4.81 -7.40
CA GLU A 216 11.93 5.80 -7.23
C GLU A 216 13.25 5.15 -6.84
N CYS A 217 13.21 4.11 -5.97
CA CYS A 217 14.42 3.37 -5.52
C CYS A 217 15.07 2.72 -6.72
N VAL A 218 14.26 2.00 -7.50
CA VAL A 218 14.79 1.31 -8.66
C VAL A 218 15.27 2.25 -9.75
N ASP A 219 14.57 3.35 -9.97
CA ASP A 219 15.06 4.32 -10.97
C ASP A 219 16.40 4.86 -10.61
N GLU A 220 16.63 5.17 -9.34
CA GLU A 220 17.92 5.67 -8.92
C GLU A 220 18.99 4.57 -9.08
N ALA A 221 18.64 3.34 -8.72
CA ALA A 221 19.62 2.28 -8.88
C ALA A 221 20.07 2.11 -10.32
N PHE A 222 19.15 2.12 -11.27
CA PHE A 222 19.55 2.02 -12.67
C PHE A 222 20.26 3.24 -13.24
N GLU A 223 19.90 4.41 -12.79
CA GLU A 223 20.62 5.58 -13.16
C GLU A 223 22.10 5.53 -12.77
N LYS A 224 22.37 4.86 -11.66
CA LYS A 224 23.75 4.79 -11.15
C LYS A 224 24.53 3.52 -11.48
N LEU A 225 23.83 2.54 -12.09
CA LEU A 225 24.42 1.26 -12.44
C LEU A 225 25.63 1.43 -13.40
N GLY A 226 26.75 0.87 -12.98
CA GLY A 226 28.03 0.98 -13.70
C GLY A 226 28.68 2.30 -13.48
N LYS A 227 28.10 3.11 -12.63
CA LYS A 227 28.69 4.40 -12.27
C LYS A 227 29.07 4.56 -10.81
N GLU A 228 28.15 4.20 -9.94
CA GLU A 228 28.41 4.19 -8.53
C GLU A 228 28.30 2.77 -7.99
N LEU A 229 29.09 2.43 -6.95
CA LEU A 229 29.17 1.04 -6.44
C LEU A 229 28.13 0.82 -5.29
N SER A 230 28.02 1.81 -4.43
CA SER A 230 27.17 1.72 -3.25
C SER A 230 26.41 3.02 -3.11
N VAL A 231 25.09 2.94 -3.19
CA VAL A 231 24.19 4.09 -3.29
C VAL A 231 23.23 4.03 -2.09
N ILE A 232 22.91 5.22 -1.54
CA ILE A 232 21.82 5.36 -0.54
C ILE A 232 20.69 6.01 -1.28
N ALA A 233 19.56 5.30 -1.40
CA ALA A 233 18.42 5.87 -2.18
C ALA A 233 17.76 7.05 -1.47
N GLY A 234 17.57 8.13 -2.24
CA GLY A 234 16.90 9.30 -1.75
C GLY A 234 17.83 10.36 -1.20
N GLN A 235 17.59 11.62 -1.58
CA GLN A 235 18.49 12.70 -1.08
C GLN A 235 18.40 12.89 0.42
N ARG A 236 17.20 12.85 1.00
CA ARG A 236 17.13 13.06 2.44
C ARG A 236 17.74 11.92 3.22
N ASN A 237 17.60 10.68 2.73
CA ASN A 237 18.29 9.56 3.40
C ASN A 237 19.82 9.79 3.35
N LYS A 238 20.31 10.22 2.20
CA LYS A 238 21.75 10.54 2.11
C LYS A 238 22.20 11.58 3.15
N ASP A 239 21.39 12.63 3.29
CA ASP A 239 21.69 13.68 4.28
C ASP A 239 21.67 13.15 5.68
N SER A 240 20.68 12.31 6.02
CA SER A 240 20.55 11.75 7.33
C SER A 240 21.75 10.86 7.69
N VAL A 241 22.11 9.98 6.77
CA VAL A 241 23.20 9.00 7.02
C VAL A 241 24.49 9.84 7.18
N HIS A 242 24.66 10.90 6.38
CA HIS A 242 25.89 11.72 6.50
C HIS A 242 25.96 12.37 7.87
N ASP A 243 24.82 12.88 8.30
CA ASP A 243 24.77 13.53 9.61
C ASP A 243 25.12 12.52 10.69
N TRP A 244 24.51 11.33 10.65
CA TRP A 244 24.88 10.31 11.59
C TRP A 244 26.39 9.98 11.51
N LYS A 245 26.89 9.78 10.30
CA LYS A 245 28.28 9.32 10.14
C LYS A 245 29.32 10.39 10.55
N ALA A 246 29.02 11.64 10.24
CA ALA A 246 29.98 12.76 10.44
C ALA A 246 29.92 13.33 11.84
N ASN A 247 28.71 13.44 12.41
CA ASN A 247 28.54 14.18 13.64
C ASN A 247 28.17 13.40 14.87
N HIS A 248 28.09 12.09 14.75
CA HIS A 248 27.76 11.25 15.88
C HIS A 248 28.70 10.06 15.93
N THR A 249 28.85 9.51 17.13
CA THR A 249 29.55 8.26 17.32
C THR A 249 28.73 7.06 16.90
N GLU A 250 29.38 5.90 16.74
CA GLU A 250 28.67 4.70 16.42
C GLU A 250 27.67 4.39 17.53
N ASP A 251 28.11 4.53 18.79
CA ASP A 251 27.24 4.22 19.89
C ASP A 251 26.05 5.15 19.94
N GLU A 252 26.22 6.39 19.54
CA GLU A 252 25.03 7.31 19.53
C GLU A 252 23.94 6.85 18.53
N TYR A 253 24.38 6.32 17.40
CA TYR A 253 23.44 5.82 16.38
C TYR A 253 22.76 4.56 16.88
N ILE A 254 23.55 3.61 17.44
CA ILE A 254 23.00 2.36 17.91
C ILE A 254 21.97 2.67 19.01
N ARG A 255 22.38 3.52 19.98
CA ARG A 255 21.51 3.84 21.10
C ARG A 255 20.24 4.55 20.64
N TYR A 256 20.33 5.37 19.62
CA TYR A 256 19.10 5.93 18.97
C TYR A 256 18.19 4.79 18.46
N MET A 257 18.77 3.83 17.72
CA MET A 257 17.96 2.69 17.25
C MET A 257 17.31 1.85 18.35
N GLY A 258 17.99 1.72 19.51
CA GLY A 258 17.54 0.95 20.64
C GLY A 258 16.59 1.72 21.56
N SER A 259 16.50 3.01 21.33
CA SER A 259 15.78 3.94 22.27
C SER A 259 14.28 3.84 22.14
N PHE A 260 13.81 2.90 21.30
CA PHE A 260 12.37 2.70 21.04
C PHE A 260 11.88 1.54 21.85
N TYR A 261 12.80 0.76 22.38
CA TYR A 261 12.41 -0.47 23.02
C TYR A 261 12.91 -0.29 24.38
N ARG A 262 12.60 -1.18 25.29
CA ARG A 262 13.22 -1.09 26.62
C ARG A 262 12.91 -2.40 27.25
N MET B 1 -25.00 -3.19 -12.12
CA MET B 1 -24.98 -1.75 -12.08
C MET B 1 -26.35 -1.14 -11.95
N ASN B 2 -27.38 -1.95 -11.86
CA ASN B 2 -28.79 -1.51 -11.67
C ASN B 2 -29.18 -1.45 -10.19
N LEU B 3 -29.90 -0.37 -9.76
CA LEU B 3 -30.21 -0.10 -8.32
C LEU B 3 -31.65 0.30 -8.08
N ARG B 4 -32.25 1.01 -9.02
CA ARG B 4 -33.53 1.65 -8.75
CA ARG B 4 -33.54 1.65 -8.74
C ARG B 4 -34.67 0.65 -8.45
N GLU B 5 -34.87 -0.34 -9.34
CA GLU B 5 -35.99 -1.26 -9.11
C GLU B 5 -35.73 -2.17 -7.95
N LYS B 6 -34.48 -2.63 -7.82
CA LYS B 6 -34.14 -3.57 -6.77
C LYS B 6 -34.17 -2.96 -5.35
N TYR B 7 -33.73 -1.73 -5.22
CA TYR B 7 -33.50 -1.14 -3.89
C TYR B 7 -34.43 0.05 -3.57
N GLY B 8 -34.57 1.03 -4.45
CA GLY B 8 -35.40 2.17 -4.20
C GLY B 8 -35.10 3.36 -5.09
N GLU B 9 -35.89 4.41 -4.93
CA GLU B 9 -35.83 5.56 -5.77
C GLU B 9 -34.66 6.47 -5.51
N TRP B 10 -34.30 6.65 -4.22
CA TRP B 10 -33.31 7.65 -3.81
C TRP B 10 -32.15 7.02 -3.07
N GLY B 11 -30.96 7.46 -3.39
CA GLY B 11 -29.77 7.03 -2.62
C GLY B 11 -29.12 8.23 -1.94
N LEU B 12 -28.54 7.96 -0.78
CA LEU B 12 -28.03 9.01 0.10
C LEU B 12 -26.48 8.87 0.22
N ILE B 13 -25.75 9.89 -0.21
CA ILE B 13 -24.28 9.88 -0.16
C ILE B 13 -23.87 10.80 0.96
N LEU B 14 -23.36 10.23 2.04
CA LEU B 14 -23.00 11.03 3.22
C LEU B 14 -21.49 11.37 3.09
N GLY B 15 -21.26 12.54 2.53
CA GLY B 15 -19.90 13.09 2.25
C GLY B 15 -19.68 13.00 0.80
N ALA B 16 -20.28 13.94 0.07
CA ALA B 16 -20.53 13.69 -1.34
C ALA B 16 -19.73 14.53 -2.31
N THR B 17 -18.99 15.53 -1.81
CA THR B 17 -18.64 16.68 -2.66
C THR B 17 -17.60 16.35 -3.71
N GLU B 18 -16.61 15.55 -3.31
CA GLU B 18 -15.44 15.29 -4.15
C GLU B 18 -15.04 13.85 -3.87
N GLY B 19 -14.06 13.42 -4.65
CA GLY B 19 -13.34 12.18 -4.38
C GLY B 19 -14.25 10.95 -4.43
N VAL B 20 -14.17 10.10 -3.41
CA VAL B 20 -14.96 8.84 -3.35
C VAL B 20 -16.43 9.17 -3.25
N GLY B 21 -16.77 10.29 -2.60
CA GLY B 21 -18.17 10.65 -2.42
C GLY B 21 -18.80 11.05 -3.76
N LYS B 22 -18.05 11.82 -4.55
CA LYS B 22 -18.51 12.18 -5.87
C LYS B 22 -18.67 10.95 -6.71
N ALA B 23 -17.73 10.01 -6.67
CA ALA B 23 -17.81 8.81 -7.49
C ALA B 23 -19.11 8.01 -7.13
N PHE B 24 -19.44 7.96 -5.84
CA PHE B 24 -20.66 7.31 -5.41
C PHE B 24 -21.89 7.99 -5.99
N CYS B 25 -21.89 9.31 -6.04
CA CYS B 25 -23.05 10.06 -6.58
C CYS B 25 -23.26 9.71 -8.06
N GLU B 26 -22.17 9.70 -8.80
CA GLU B 26 -22.23 9.38 -10.25
C GLU B 26 -22.68 7.94 -10.49
N LYS B 27 -22.14 7.02 -9.70
CA LYS B 27 -22.42 5.63 -9.83
C LYS B 27 -23.89 5.30 -9.55
N ILE B 28 -24.44 5.84 -8.47
CA ILE B 28 -25.85 5.49 -8.15
C ILE B 28 -26.79 6.13 -9.20
N ALA B 29 -26.40 7.29 -9.70
CA ALA B 29 -27.21 7.99 -10.73
C ALA B 29 -27.15 7.19 -12.02
N ALA B 30 -25.99 6.65 -12.35
CA ALA B 30 -25.86 5.74 -13.48
C ALA B 30 -26.68 4.44 -13.28
N GLY B 31 -26.94 4.11 -12.02
CA GLY B 31 -27.80 2.97 -11.68
C GLY B 31 -29.29 3.26 -11.58
N GLY B 32 -29.69 4.47 -11.95
CA GLY B 32 -31.11 4.86 -11.95
C GLY B 32 -31.64 5.56 -10.74
N MET B 33 -30.78 5.81 -9.76
CA MET B 33 -31.22 6.47 -8.52
C MET B 33 -31.15 7.95 -8.57
N ASN B 34 -32.12 8.59 -7.92
CA ASN B 34 -32.03 10.01 -7.60
C ASN B 34 -31.08 10.09 -6.40
N VAL B 35 -30.39 11.22 -6.26
CA VAL B 35 -29.26 11.38 -5.32
C VAL B 35 -29.48 12.47 -4.27
N VAL B 36 -29.46 12.06 -3.01
CA VAL B 36 -29.29 13.04 -1.92
C VAL B 36 -27.81 13.14 -1.61
N MET B 37 -27.26 14.31 -1.81
CA MET B 37 -25.85 14.57 -1.69
C MET B 37 -25.63 15.46 -0.47
N VAL B 38 -24.89 14.98 0.50
CA VAL B 38 -24.63 15.65 1.74
C VAL B 38 -23.13 15.93 1.93
N GLY B 39 -22.85 17.18 2.30
CA GLY B 39 -21.50 17.66 2.50
C GLY B 39 -21.51 19.07 3.05
N ARG B 40 -20.31 19.54 3.36
CA ARG B 40 -20.17 20.88 3.91
C ARG B 40 -20.15 22.00 2.86
N ARG B 41 -19.57 21.76 1.66
CA ARG B 41 -19.45 22.81 0.62
C ARG B 41 -20.67 22.92 -0.26
N GLU B 42 -21.68 23.67 0.23
CA GLU B 42 -23.00 23.71 -0.40
C GLU B 42 -22.95 24.16 -1.87
N GLU B 43 -22.18 25.20 -2.17
CA GLU B 43 -22.06 25.67 -3.55
C GLU B 43 -21.46 24.60 -4.45
N LYS B 44 -20.37 23.98 -4.01
CA LYS B 44 -19.77 22.93 -4.78
C LYS B 44 -20.75 21.75 -5.00
N LEU B 45 -21.53 21.42 -3.99
CA LEU B 45 -22.52 20.34 -4.12
C LEU B 45 -23.58 20.71 -5.19
N ASN B 46 -24.05 21.96 -5.16
CA ASN B 46 -24.98 22.45 -6.18
C ASN B 46 -24.42 22.31 -7.58
N VAL B 47 -23.13 22.60 -7.77
CA VAL B 47 -22.53 22.47 -9.10
C VAL B 47 -22.51 21.01 -9.53
N LEU B 48 -22.01 20.12 -8.64
CA LEU B 48 -22.09 18.69 -8.86
C LEU B 48 -23.49 18.18 -9.15
N ALA B 49 -24.46 18.65 -8.38
CA ALA B 49 -25.83 18.21 -8.55
C ALA B 49 -26.32 18.53 -9.98
N GLY B 50 -25.93 19.70 -10.48
CA GLY B 50 -26.34 20.09 -11.82
C GLY B 50 -25.70 19.25 -12.88
N GLU B 51 -24.42 18.89 -12.68
CA GLU B 51 -23.75 17.97 -13.59
C GLU B 51 -24.42 16.57 -13.61
N ILE B 52 -24.76 16.07 -12.43
CA ILE B 52 -25.44 14.76 -12.32
C ILE B 52 -26.80 14.77 -13.02
N ARG B 53 -27.57 15.82 -12.85
CA ARG B 53 -28.91 15.94 -13.46
C ARG B 53 -28.77 15.96 -14.99
N GLU B 54 -27.81 16.72 -15.48
CA GLU B 54 -27.51 16.83 -16.90
C GLU B 54 -27.02 15.53 -17.50
N THR B 55 -26.05 14.88 -16.88
CA THR B 55 -25.44 13.67 -17.43
C THR B 55 -26.35 12.45 -17.37
N TYR B 56 -27.04 12.27 -16.24
CA TYR B 56 -27.77 11.03 -15.95
C TYR B 56 -29.29 11.19 -15.97
N GLY B 57 -29.77 12.41 -15.98
CA GLY B 57 -31.21 12.71 -15.96
C GLY B 57 -32.00 12.17 -14.76
N VAL B 58 -31.36 12.10 -13.60
CA VAL B 58 -32.04 11.81 -12.35
C VAL B 58 -32.23 13.12 -11.54
N GLU B 59 -32.99 13.05 -10.46
CA GLU B 59 -33.19 14.19 -9.59
C GLU B 59 -32.12 14.20 -8.56
N THR B 60 -31.93 15.36 -7.96
CA THR B 60 -30.90 15.55 -6.89
C THR B 60 -31.48 16.35 -5.72
N LYS B 61 -30.96 16.12 -4.52
CA LYS B 61 -31.26 16.98 -3.42
C LYS B 61 -29.95 17.27 -2.66
N VAL B 62 -29.62 18.53 -2.53
CA VAL B 62 -28.40 18.93 -1.79
C VAL B 62 -28.74 19.23 -0.36
N VAL B 63 -27.93 18.67 0.57
CA VAL B 63 -28.08 18.88 2.00
C VAL B 63 -26.73 19.32 2.60
N ARG B 64 -26.69 20.50 3.21
CA ARG B 64 -25.48 20.97 3.87
C ARG B 64 -25.47 20.50 5.30
N ALA B 65 -24.45 19.72 5.66
CA ALA B 65 -24.33 19.27 7.02
C ALA B 65 -22.84 19.00 7.30
N ASP B 66 -22.45 19.09 8.58
CA ASP B 66 -21.09 18.84 8.99
C ASP B 66 -21.12 17.76 10.05
N PHE B 67 -20.62 16.58 9.64
CA PHE B 67 -20.76 15.40 10.45
C PHE B 67 -19.95 15.46 11.75
N SER B 68 -19.11 16.48 11.89
CA SER B 68 -18.24 16.59 13.07
C SER B 68 -19.02 17.24 14.22
N GLN B 69 -20.21 17.71 13.85
CA GLN B 69 -21.08 18.39 14.77
CA GLN B 69 -21.10 18.42 14.74
C GLN B 69 -22.26 17.54 15.24
N PRO B 70 -22.62 17.68 16.52
CA PRO B 70 -23.84 17.02 16.92
C PRO B 70 -25.07 17.49 16.10
N GLY B 71 -25.99 16.54 15.92
CA GLY B 71 -27.23 16.77 15.14
C GLY B 71 -27.11 16.74 13.62
N ALA B 72 -25.92 16.44 13.09
CA ALA B 72 -25.79 16.40 11.63
C ALA B 72 -26.73 15.30 11.09
N ALA B 73 -26.74 14.13 11.72
CA ALA B 73 -27.60 13.02 11.23
C ALA B 73 -29.08 13.44 11.20
N GLU B 74 -29.51 14.09 12.28
CA GLU B 74 -30.92 14.50 12.40
C GLU B 74 -31.32 15.47 11.31
N THR B 75 -30.40 16.33 10.86
CA THR B 75 -30.66 17.20 9.76
C THR B 75 -30.88 16.43 8.47
N VAL B 76 -30.04 15.42 8.24
CA VAL B 76 -30.24 14.57 7.06
C VAL B 76 -31.59 13.81 7.11
N PHE B 77 -31.96 13.29 8.29
CA PHE B 77 -33.22 12.56 8.44
C PHE B 77 -34.43 13.41 7.98
N ALA B 78 -34.39 14.69 8.34
CA ALA B 78 -35.49 15.60 8.06
C ALA B 78 -35.58 15.83 6.56
N ALA B 79 -34.39 15.93 5.94
CA ALA B 79 -34.27 16.24 4.53
C ALA B 79 -34.73 15.06 3.67
N THR B 80 -34.62 13.83 4.16
CA THR B 80 -35.05 12.63 3.39
C THR B 80 -36.41 12.09 3.72
N GLU B 81 -37.01 12.55 4.81
CA GLU B 81 -38.32 12.03 5.25
C GLU B 81 -39.30 12.13 4.09
N GLY B 82 -39.99 11.06 3.78
CA GLY B 82 -41.00 11.12 2.73
C GLY B 82 -40.49 10.57 1.40
N LEU B 83 -39.17 10.50 1.24
CA LEU B 83 -38.58 9.92 0.03
C LEU B 83 -38.57 8.41 0.11
N ASP B 84 -38.73 7.74 -1.04
CA ASP B 84 -38.49 6.31 -1.12
C ASP B 84 -36.98 6.06 -1.17
N MET B 85 -36.44 5.51 -0.10
CA MET B 85 -35.02 5.40 0.06
C MET B 85 -34.62 4.02 -0.29
N GLY B 86 -33.54 3.91 -1.07
CA GLY B 86 -32.98 2.63 -1.41
C GLY B 86 -31.51 2.34 -1.11
N PHE B 87 -30.72 3.37 -0.87
CA PHE B 87 -29.30 3.26 -0.71
C PHE B 87 -28.74 4.32 0.26
N MET B 88 -27.78 3.88 1.04
CA MET B 88 -26.95 4.79 1.85
C MET B 88 -25.46 4.42 1.73
N SER B 89 -24.57 5.42 1.65
CA SER B 89 -23.15 5.21 1.85
C SER B 89 -22.57 6.24 2.78
N TYR B 90 -21.85 5.79 3.81
CA TYR B 90 -21.11 6.67 4.65
C TYR B 90 -19.68 6.77 4.14
N VAL B 91 -19.34 7.92 3.60
CA VAL B 91 -18.06 8.13 2.86
C VAL B 91 -17.10 9.04 3.65
N ALA B 92 -17.63 10.06 4.33
CA ALA B 92 -16.80 11.10 5.00
C ALA B 92 -15.91 10.47 6.08
N CYS B 93 -14.75 11.10 6.27
CA CYS B 93 -13.90 10.75 7.41
C CYS B 93 -13.25 12.03 7.93
N LEU B 94 -12.73 11.96 9.13
CA LEU B 94 -11.89 13.03 9.68
C LEU B 94 -10.73 12.39 10.40
N HIS B 95 -9.54 12.89 10.13
CA HIS B 95 -8.41 12.51 10.97
C HIS B 95 -7.54 13.73 11.26
N SER B 96 -6.54 13.57 12.11
CA SER B 96 -5.81 14.71 12.65
C SER B 96 -4.51 14.20 13.17
N PHE B 97 -3.42 14.63 12.57
CA PHE B 97 -2.08 14.19 12.95
C PHE B 97 -1.70 14.57 14.34
N GLY B 98 -1.11 13.61 15.06
CA GLY B 98 -0.60 13.80 16.38
C GLY B 98 -0.71 12.59 17.25
N LYS B 99 0.26 12.45 18.17
CA LYS B 99 0.15 11.53 19.29
C LYS B 99 -1.10 11.84 20.10
N ILE B 100 -1.71 10.80 20.67
CA ILE B 100 -2.99 10.97 21.40
C ILE B 100 -3.02 12.18 22.30
N GLN B 101 -1.93 12.35 23.07
CA GLN B 101 -1.91 13.42 24.09
C GLN B 101 -1.70 14.80 23.45
N ASP B 102 -1.17 14.84 22.23
CA ASP B 102 -0.86 16.06 21.52
C ASP B 102 -2.04 16.59 20.70
N THR B 103 -3.11 15.83 20.60
CA THR B 103 -4.32 16.25 19.91
C THR B 103 -5.37 16.74 20.96
N PRO B 104 -5.93 17.95 20.77
CA PRO B 104 -6.78 18.44 21.83
C PRO B 104 -8.05 17.66 21.91
N TRP B 105 -8.70 17.69 23.05
CA TRP B 105 -9.96 16.95 23.20
C TRP B 105 -11.02 17.38 22.20
N GLU B 106 -11.12 18.69 21.88
CA GLU B 106 -12.16 19.13 20.93
C GLU B 106 -11.98 18.51 19.57
N LYS B 107 -10.74 18.29 19.18
CA LYS B 107 -10.44 17.57 17.93
C LYS B 107 -10.79 16.07 18.01
N HIS B 108 -10.46 15.46 19.14
CA HIS B 108 -10.89 14.08 19.40
C HIS B 108 -12.41 13.93 19.33
N GLU B 109 -13.13 14.89 19.91
CA GLU B 109 -14.56 14.88 19.88
C GLU B 109 -15.08 14.98 18.43
N ALA B 110 -14.52 15.90 17.66
CA ALA B 110 -14.90 16.03 16.22
C ALA B 110 -14.75 14.68 15.49
N MET B 111 -13.65 13.94 15.77
CA MET B 111 -13.39 12.66 15.08
C MET B 111 -14.39 11.62 15.55
N ILE B 112 -14.69 11.60 16.84
CA ILE B 112 -15.73 10.70 17.34
C ILE B 112 -17.05 10.97 16.59
N ASN B 113 -17.35 12.25 16.36
CA ASN B 113 -18.57 12.56 15.68
C ASN B 113 -18.59 12.14 14.24
N VAL B 114 -17.49 12.36 13.51
CA VAL B 114 -17.50 12.03 12.07
C VAL B 114 -17.48 10.50 11.88
N ASN B 115 -16.54 9.88 12.56
CA ASN B 115 -16.25 8.47 12.29
C ASN B 115 -17.12 7.45 13.03
N VAL B 116 -17.75 7.85 14.15
CA VAL B 116 -18.49 6.96 15.00
C VAL B 116 -19.94 7.41 15.14
N VAL B 117 -20.15 8.61 15.70
CA VAL B 117 -21.54 8.95 16.15
C VAL B 117 -22.45 9.25 14.95
N THR B 118 -22.06 10.17 14.10
CA THR B 118 -22.84 10.52 12.91
C THR B 118 -23.00 9.28 12.04
N PHE B 119 -21.89 8.53 11.91
CA PHE B 119 -21.90 7.27 11.22
C PHE B 119 -23.05 6.35 11.70
N LEU B 120 -23.06 6.05 12.99
CA LEU B 120 -23.92 5.05 13.48
C LEU B 120 -25.34 5.56 13.50
N LYS B 121 -25.54 6.84 13.82
CA LYS B 121 -26.92 7.38 13.83
C LYS B 121 -27.55 7.19 12.44
N CYS B 122 -26.77 7.48 11.42
CA CYS B 122 -27.27 7.33 10.01
C CYS B 122 -27.51 5.86 9.70
N PHE B 123 -26.54 5.02 10.05
CA PHE B 123 -26.62 3.60 9.73
C PHE B 123 -27.84 2.97 10.38
N HIS B 124 -28.10 3.30 11.66
CA HIS B 124 -29.25 2.79 12.38
C HIS B 124 -30.60 3.28 11.77
N HIS B 125 -30.69 4.54 11.49
CA HIS B 125 -31.91 5.17 11.01
C HIS B 125 -32.30 4.55 9.67
N TYR B 126 -31.35 4.52 8.75
CA TYR B 126 -31.70 4.02 7.37
C TYR B 126 -31.86 2.51 7.37
N MET B 127 -31.13 1.77 8.23
CA MET B 127 -31.38 0.36 8.37
C MET B 127 -32.78 0.07 8.89
N ARG B 128 -33.30 0.93 9.76
CA ARG B 128 -34.69 0.75 10.25
C ARG B 128 -35.61 0.80 9.04
N ILE B 129 -35.41 1.79 8.24
CA ILE B 129 -36.18 1.99 6.97
C ILE B 129 -36.07 0.83 6.01
N PHE B 130 -34.83 0.42 5.69
CA PHE B 130 -34.59 -0.63 4.72
C PHE B 130 -35.15 -1.96 5.22
N ALA B 131 -34.87 -2.28 6.49
CA ALA B 131 -35.25 -3.58 7.03
C ALA B 131 -36.78 -3.66 7.07
N ALA B 132 -37.43 -2.55 7.33
CA ALA B 132 -38.91 -2.57 7.52
C ALA B 132 -39.61 -2.83 6.15
N GLN B 133 -39.01 -2.31 5.07
CA GLN B 133 -39.56 -2.48 3.67
C GLN B 133 -38.87 -3.67 2.97
N ASP B 134 -38.00 -4.37 3.66
CA ASP B 134 -37.26 -5.48 3.12
C ASP B 134 -36.68 -5.20 1.76
N ARG B 135 -36.10 -4.03 1.63
CA ARG B 135 -35.31 -3.70 0.47
C ARG B 135 -34.40 -2.47 0.71
N GLY B 136 -33.15 -2.56 0.24
CA GLY B 136 -32.27 -1.43 0.43
C GLY B 136 -30.85 -1.90 0.31
N ALA B 137 -29.94 -0.95 0.20
CA ALA B 137 -28.55 -1.27 0.22
C ALA B 137 -27.69 -0.23 0.96
N VAL B 138 -26.66 -0.72 1.65
CA VAL B 138 -25.68 0.11 2.28
C VAL B 138 -24.26 -0.32 1.89
N ILE B 139 -23.42 0.62 1.45
CA ILE B 139 -21.99 0.35 1.27
C ILE B 139 -21.27 1.49 2.05
N ASN B 140 -20.67 1.11 3.17
CA ASN B 140 -19.86 2.05 3.96
C ASN B 140 -18.40 1.95 3.58
N VAL B 141 -17.65 3.03 3.78
CA VAL B 141 -16.26 3.11 3.37
C VAL B 141 -15.39 2.98 4.63
N SER B 142 -14.46 2.05 4.63
CA SER B 142 -13.46 1.98 5.69
C SER B 142 -12.07 2.26 5.05
N SER B 143 -11.03 2.03 5.83
CA SER B 143 -9.67 2.37 5.44
C SER B 143 -8.76 1.27 5.87
N MET B 144 -7.63 1.13 5.17
CA MET B 144 -6.68 0.08 5.59
C MET B 144 -6.18 0.34 7.01
N THR B 145 -6.22 1.60 7.49
CA THR B 145 -5.81 1.88 8.89
C THR B 145 -6.72 1.29 9.95
N GLY B 146 -7.94 0.93 9.53
CA GLY B 146 -8.89 0.23 10.38
C GLY B 146 -8.43 -1.18 10.62
N ILE B 147 -7.56 -1.66 9.73
CA ILE B 147 -6.99 -3.01 9.87
C ILE B 147 -5.62 -2.96 10.54
N SER B 148 -4.78 -2.00 10.12
CA SER B 148 -3.42 -1.91 10.54
C SER B 148 -3.13 -1.14 11.83
N SER B 149 -4.04 -0.23 12.21
CA SER B 149 -3.85 0.86 13.15
C SER B 149 -3.09 2.00 12.51
N SER B 150 -3.25 3.19 13.07
CA SER B 150 -2.59 4.40 12.51
C SER B 150 -1.83 5.18 13.60
N PRO B 151 -0.64 4.70 13.96
CA PRO B 151 0.28 5.46 14.85
C PRO B 151 0.44 6.91 14.38
N TRP B 152 0.48 7.82 15.35
CA TRP B 152 0.46 9.25 15.12
C TRP B 152 -0.83 9.84 14.49
N ASN B 153 -1.84 8.99 14.38
CA ASN B 153 -3.13 9.43 13.94
C ASN B 153 -4.23 8.55 14.55
N GLY B 154 -3.95 8.05 15.73
CA GLY B 154 -4.66 6.93 16.24
C GLY B 154 -6.16 6.82 16.05
N GLN B 155 -6.86 7.92 16.25
CA GLN B 155 -8.29 7.85 16.26
C GLN B 155 -8.86 7.58 14.86
N TYR B 156 -8.07 7.85 13.87
CA TYR B 156 -8.42 7.58 12.46
C TYR B 156 -8.64 6.07 12.27
N GLY B 157 -7.59 5.26 12.51
CA GLY B 157 -7.75 3.82 12.45
C GLY B 157 -8.80 3.31 13.38
N ALA B 158 -8.87 3.87 14.58
CA ALA B 158 -9.90 3.46 15.52
C ALA B 158 -11.33 3.61 15.02
N GLY B 159 -11.66 4.79 14.53
CA GLY B 159 -12.99 5.05 14.00
C GLY B 159 -13.27 4.29 12.72
N LYS B 160 -12.25 4.10 11.90
CA LYS B 160 -12.47 3.29 10.66
C LYS B 160 -12.67 1.79 11.02
N ALA B 161 -12.00 1.31 12.07
CA ALA B 161 -12.21 -0.04 12.60
C ALA B 161 -13.64 -0.19 13.09
N PHE B 162 -14.14 0.83 13.77
CA PHE B 162 -15.53 0.80 14.26
C PHE B 162 -16.46 0.65 13.05
N ILE B 163 -16.25 1.48 12.03
CA ILE B 163 -17.05 1.36 10.79
C ILE B 163 -16.96 0.00 10.18
N LEU B 164 -15.70 -0.50 10.05
CA LEU B 164 -15.45 -1.80 9.47
C LEU B 164 -16.22 -2.89 10.20
N LYS B 165 -15.98 -3.02 11.52
CA LYS B 165 -16.63 -4.13 12.23
C LYS B 165 -18.13 -3.97 12.41
N MET B 166 -18.66 -2.75 12.49
CA MET B 166 -20.11 -2.57 12.61
C MET B 166 -20.78 -2.98 11.29
N THR B 167 -20.14 -2.60 10.18
CA THR B 167 -20.72 -2.84 8.85
C THR B 167 -20.60 -4.33 8.52
N GLU B 168 -19.51 -5.00 8.95
CA GLU B 168 -19.34 -6.47 8.76
C GLU B 168 -20.43 -7.17 9.50
N ALA B 169 -20.68 -6.77 10.75
CA ALA B 169 -21.78 -7.42 11.49
C ALA B 169 -23.12 -7.34 10.75
N VAL B 170 -23.48 -6.14 10.33
CA VAL B 170 -24.76 -5.85 9.71
C VAL B 170 -24.85 -6.53 8.35
N ALA B 171 -23.72 -6.58 7.66
CA ALA B 171 -23.67 -7.25 6.36
C ALA B 171 -24.11 -8.72 6.52
N CYS B 172 -23.60 -9.37 7.55
CA CYS B 172 -23.91 -10.77 7.79
C CYS B 172 -25.38 -10.87 8.23
N GLU B 173 -25.85 -9.93 9.03
CA GLU B 173 -27.27 -9.90 9.44
C GLU B 173 -28.28 -9.83 8.27
N CYS B 174 -27.86 -9.19 7.18
CA CYS B 174 -28.73 -8.92 6.04
C CYS B 174 -28.72 -10.04 4.99
N GLU B 175 -27.89 -11.05 5.15
CA GLU B 175 -27.78 -12.09 4.12
C GLU B 175 -29.06 -12.89 4.15
N GLY B 176 -29.59 -13.17 2.97
CA GLY B 176 -30.88 -13.84 2.97
C GLY B 176 -32.07 -12.89 3.03
N THR B 177 -31.83 -11.56 3.13
CA THR B 177 -32.91 -10.60 3.17
C THR B 177 -32.83 -9.69 1.95
N GLY B 178 -33.83 -8.85 1.74
CA GLY B 178 -33.86 -7.89 0.66
C GLY B 178 -32.96 -6.69 0.82
N VAL B 179 -32.28 -6.64 1.97
CA VAL B 179 -31.31 -5.53 2.18
C VAL B 179 -29.90 -6.10 1.98
N ASP B 180 -29.07 -5.37 1.21
CA ASP B 180 -27.74 -5.81 0.88
C ASP B 180 -26.73 -4.79 1.42
N VAL B 181 -25.83 -5.26 2.27
CA VAL B 181 -24.89 -4.40 2.94
C VAL B 181 -23.47 -4.92 2.71
N GLU B 182 -22.56 -3.97 2.59
CA GLU B 182 -21.16 -4.25 2.32
C GLU B 182 -20.31 -3.12 2.93
N VAL B 183 -19.11 -3.47 3.37
CA VAL B 183 -18.08 -2.45 3.68
C VAL B 183 -17.00 -2.64 2.67
N ILE B 184 -16.54 -1.55 2.13
CA ILE B 184 -15.36 -1.55 1.23
C ILE B 184 -14.27 -0.71 1.85
N THR B 185 -13.10 -1.36 2.00
CA THR B 185 -11.95 -0.82 2.75
C THR B 185 -10.95 -0.31 1.71
N LEU B 186 -10.76 1.02 1.69
CA LEU B 186 -9.83 1.63 0.77
C LEU B 186 -8.40 1.76 1.30
N GLY B 187 -7.45 1.66 0.37
CA GLY B 187 -6.14 2.17 0.58
C GLY B 187 -6.02 3.49 -0.15
N THR B 188 -4.78 3.83 -0.48
CA THR B 188 -4.54 5.08 -1.21
C THR B 188 -5.34 5.23 -2.48
N THR B 189 -6.06 6.34 -2.54
CA THR B 189 -7.05 6.60 -3.56
C THR B 189 -6.94 8.07 -3.99
N LEU B 190 -7.07 8.31 -5.29
CA LEU B 190 -6.84 9.67 -5.85
C LEU B 190 -7.99 10.62 -5.54
N THR B 191 -8.01 11.17 -4.36
CA THR B 191 -9.00 12.18 -3.98
C THR B 191 -8.16 13.44 -3.65
N PRO B 192 -8.81 14.59 -3.53
CA PRO B 192 -8.07 15.81 -3.13
C PRO B 192 -7.27 15.61 -1.85
N SER B 193 -7.86 14.94 -0.86
CA SER B 193 -7.10 14.68 0.39
C SER B 193 -5.75 14.02 0.14
N LEU B 194 -5.74 12.99 -0.71
CA LEU B 194 -4.53 12.27 -1.00
C LEU B 194 -3.57 13.20 -1.67
N LEU B 195 -4.08 13.92 -2.68
CA LEU B 195 -3.24 14.72 -3.55
C LEU B 195 -2.54 15.80 -2.74
N SER B 196 -3.13 16.19 -1.62
CA SER B 196 -2.54 17.18 -0.71
C SER B 196 -1.19 16.76 -0.11
N ASN B 197 -0.94 15.47 0.02
CA ASN B 197 0.31 14.95 0.54
C ASN B 197 1.43 14.96 -0.51
N LEU B 198 1.12 15.13 -1.79
CA LEU B 198 2.04 14.76 -2.86
C LEU B 198 2.82 16.00 -3.32
N PRO B 199 4.16 15.94 -3.22
CA PRO B 199 4.97 17.02 -3.81
C PRO B 199 4.82 16.98 -5.33
N GLY B 200 5.06 18.10 -6.01
CA GLY B 200 4.79 18.18 -7.44
C GLY B 200 5.43 17.15 -8.36
N GLY B 201 6.74 16.99 -8.30
CA GLY B 201 7.46 16.22 -9.36
C GLY B 201 7.33 14.72 -9.23
N PRO B 202 8.35 13.96 -9.66
CA PRO B 202 8.26 12.49 -9.61
C PRO B 202 8.03 11.88 -8.19
N GLN B 203 8.36 12.62 -7.14
CA GLN B 203 8.07 12.23 -5.74
C GLN B 203 6.57 12.03 -5.55
N GLY B 204 5.76 12.79 -6.31
CA GLY B 204 4.30 12.66 -6.32
C GLY B 204 3.72 11.80 -7.40
N GLU B 205 4.30 11.88 -8.58
CA GLU B 205 3.86 11.10 -9.71
C GLU B 205 3.97 9.59 -9.47
N ALA B 206 4.99 9.17 -8.72
CA ALA B 206 5.14 7.73 -8.44
C ALA B 206 3.97 7.15 -7.65
N VAL B 207 3.46 7.98 -6.74
CA VAL B 207 2.28 7.63 -5.92
C VAL B 207 1.03 7.60 -6.80
N MET B 208 0.86 8.62 -7.67
CA MET B 208 -0.31 8.62 -8.59
C MET B 208 -0.48 7.25 -9.29
N LYS B 209 0.65 6.62 -9.61
CA LYS B 209 0.63 5.38 -10.39
C LYS B 209 0.27 4.17 -9.57
N ILE B 210 0.40 4.23 -8.27
CA ILE B 210 0.04 3.08 -7.48
C ILE B 210 -1.26 3.28 -6.69
N ALA B 211 -1.86 4.47 -6.80
CA ALA B 211 -3.14 4.73 -6.10
C ALA B 211 -4.28 4.24 -6.94
N LEU B 212 -5.42 3.92 -6.31
CA LEU B 212 -6.58 3.61 -7.08
C LEU B 212 -7.41 4.85 -7.42
N THR B 213 -8.19 4.82 -8.49
CA THR B 213 -9.12 5.91 -8.75
C THR B 213 -10.37 5.69 -7.90
N PRO B 214 -11.05 6.80 -7.55
CA PRO B 214 -12.32 6.62 -6.81
C PRO B 214 -13.29 5.75 -7.60
N GLU B 215 -13.38 5.96 -8.92
CA GLU B 215 -14.28 5.18 -9.76
C GLU B 215 -14.06 3.70 -9.64
N GLU B 216 -12.80 3.25 -9.76
CA GLU B 216 -12.59 1.81 -9.65
C GLU B 216 -12.98 1.25 -8.26
N CYS B 217 -12.83 2.04 -7.21
CA CYS B 217 -13.21 1.59 -5.85
C CYS B 217 -14.71 1.37 -5.75
N VAL B 218 -15.46 2.35 -6.21
CA VAL B 218 -16.88 2.27 -6.25
C VAL B 218 -17.38 1.14 -7.16
N ASP B 219 -16.79 1.00 -8.37
CA ASP B 219 -17.21 -0.07 -9.27
C ASP B 219 -17.03 -1.42 -8.59
N GLU B 220 -15.90 -1.63 -7.92
CA GLU B 220 -15.66 -2.91 -7.25
C GLU B 220 -16.70 -3.15 -6.14
N ALA B 221 -16.97 -2.11 -5.37
CA ALA B 221 -17.94 -2.22 -4.31
C ALA B 221 -19.30 -2.65 -4.88
N PHE B 222 -19.77 -2.02 -5.95
CA PHE B 222 -21.07 -2.45 -6.46
C PHE B 222 -21.07 -3.83 -7.12
N GLU B 223 -19.97 -4.22 -7.73
CA GLU B 223 -19.83 -5.54 -8.29
C GLU B 223 -20.06 -6.58 -7.27
N LYS B 224 -19.63 -6.35 -6.02
CA LYS B 224 -19.62 -7.37 -4.98
C LYS B 224 -20.78 -7.27 -3.99
N LEU B 225 -21.60 -6.24 -4.16
CA LEU B 225 -22.75 -5.94 -3.29
C LEU B 225 -23.69 -7.15 -3.26
N GLY B 226 -23.97 -7.64 -2.09
CA GLY B 226 -24.83 -8.82 -2.00
C GLY B 226 -24.17 -10.16 -2.10
N LYS B 227 -22.89 -10.22 -2.44
CA LYS B 227 -22.10 -11.43 -2.51
C LYS B 227 -20.94 -11.50 -1.57
N GLU B 228 -20.18 -10.42 -1.43
CA GLU B 228 -19.13 -10.34 -0.46
C GLU B 228 -19.47 -9.28 0.56
N LEU B 229 -19.14 -9.56 1.82
CA LEU B 229 -19.54 -8.74 2.94
C LEU B 229 -18.49 -7.66 3.20
N SER B 230 -17.23 -8.05 3.19
CA SER B 230 -16.13 -7.14 3.54
C SER B 230 -15.06 -7.25 2.47
N VAL B 231 -14.93 -6.19 1.71
CA VAL B 231 -14.10 -6.16 0.50
C VAL B 231 -13.01 -5.14 0.74
N ILE B 232 -11.81 -5.46 0.27
CA ILE B 232 -10.68 -4.52 0.26
C ILE B 232 -10.45 -4.15 -1.21
N ALA B 233 -10.55 -2.84 -1.52
CA ALA B 233 -10.54 -2.40 -2.89
C ALA B 233 -9.14 -2.59 -3.48
N GLY B 234 -9.13 -3.26 -4.62
CA GLY B 234 -7.92 -3.46 -5.43
C GLY B 234 -7.15 -4.70 -4.99
N GLN B 235 -6.68 -5.47 -5.96
CA GLN B 235 -5.99 -6.72 -5.62
C GLN B 235 -4.78 -6.52 -4.79
N ARG B 236 -4.03 -5.47 -5.09
CA ARG B 236 -2.81 -5.24 -4.40
C ARG B 236 -3.01 -4.96 -2.91
N ASN B 237 -3.98 -4.13 -2.58
CA ASN B 237 -4.36 -3.91 -1.16
C ASN B 237 -4.89 -5.17 -0.45
N LYS B 238 -5.70 -5.95 -1.15
CA LYS B 238 -6.18 -7.23 -0.61
C LYS B 238 -5.03 -8.12 -0.27
N ASP B 239 -4.11 -8.23 -1.24
CA ASP B 239 -3.00 -9.17 -1.04
C ASP B 239 -2.12 -8.71 0.10
N SER B 240 -1.90 -7.41 0.19
CA SER B 240 -1.09 -6.83 1.21
C SER B 240 -1.61 -7.13 2.59
N VAL B 241 -2.90 -6.88 2.78
CA VAL B 241 -3.57 -7.24 4.05
C VAL B 241 -3.42 -8.72 4.35
N HIS B 242 -3.60 -9.58 3.36
CA HIS B 242 -3.49 -11.00 3.62
C HIS B 242 -2.10 -11.39 4.05
N ASP B 243 -1.09 -10.83 3.38
CA ASP B 243 0.27 -11.11 3.74
C ASP B 243 0.57 -10.69 5.18
N TRP B 244 0.13 -9.50 5.55
CA TRP B 244 0.36 -9.06 6.92
C TRP B 244 -0.34 -9.97 7.92
N LYS B 245 -1.58 -10.33 7.63
CA LYS B 245 -2.38 -11.19 8.50
C LYS B 245 -1.79 -12.56 8.63
N ALA B 246 -1.33 -13.15 7.50
CA ALA B 246 -0.94 -14.57 7.50
C ALA B 246 0.48 -14.77 8.00
N ASN B 247 1.38 -13.84 7.70
CA ASN B 247 2.82 -14.10 7.82
C ASN B 247 3.59 -13.22 8.81
N HIS B 248 2.87 -12.32 9.50
CA HIS B 248 3.52 -11.39 10.41
C HIS B 248 2.77 -11.33 11.71
N THR B 249 3.45 -10.96 12.78
CA THR B 249 2.76 -10.76 14.04
C THR B 249 1.96 -9.47 13.99
N GLU B 250 1.03 -9.29 14.95
CA GLU B 250 0.30 -8.07 15.00
C GLU B 250 1.29 -6.89 15.24
N ASP B 251 2.25 -7.08 16.13
CA ASP B 251 3.24 -6.01 16.49
C ASP B 251 4.09 -5.63 15.28
N GLU B 252 4.40 -6.57 14.39
CA GLU B 252 5.25 -6.22 13.24
C GLU B 252 4.51 -5.20 12.35
N TYR B 253 3.23 -5.45 12.13
CA TYR B 253 2.37 -4.57 11.36
C TYR B 253 2.29 -3.22 12.04
N ILE B 254 2.02 -3.23 13.35
CA ILE B 254 1.88 -1.95 14.08
C ILE B 254 3.20 -1.08 14.01
N ARG B 255 4.32 -1.73 14.25
CA ARG B 255 5.63 -1.00 14.22
C ARG B 255 5.91 -0.50 12.82
N TYR B 256 5.61 -1.31 11.81
CA TYR B 256 5.75 -0.89 10.41
C TYR B 256 4.91 0.34 10.07
N MET B 257 3.70 0.42 10.67
CA MET B 257 2.83 1.58 10.40
C MET B 257 3.37 2.82 11.03
N GLY B 258 4.27 2.68 11.99
CA GLY B 258 4.88 3.85 12.64
C GLY B 258 6.15 4.29 11.93
N SER B 259 6.52 3.65 10.81
CA SER B 259 7.81 3.89 10.15
C SER B 259 8.19 5.35 9.87
N PHE B 260 7.21 6.20 9.58
CA PHE B 260 7.51 7.58 9.24
C PHE B 260 8.04 8.35 10.43
N TYR B 261 7.74 7.89 11.66
CA TYR B 261 7.89 8.71 12.86
C TYR B 261 8.83 8.12 13.88
N ARG B 262 9.22 6.88 13.67
CA ARG B 262 10.14 6.22 14.58
C ARG B 262 10.89 5.14 13.83
N ASP B 263 11.75 4.44 14.55
CA ASP B 263 12.59 3.39 13.99
C ASP B 263 12.55 2.18 14.89
PA NAP C . 10.26 -6.40 -0.80
O1A NAP C . 10.64 -5.60 -2.01
O2A NAP C . 10.90 -6.28 0.53
O5B NAP C . 10.43 -8.02 -1.05
C5B NAP C . 10.14 -8.47 -2.35
C4B NAP C . 9.45 -9.81 -2.27
O4B NAP C . 10.39 -10.77 -1.88
C3B NAP C . 8.29 -9.97 -1.26
O3B NAP C . 7.08 -9.40 -1.80
C2B NAP C . 8.25 -11.47 -1.10
O2B NAP C . 7.18 -12.03 -1.91
C1B NAP C . 9.65 -11.94 -1.59
N9A NAP C . 10.25 -12.77 -0.55
C8A NAP C . 10.35 -12.47 0.77
N7A NAP C . 10.78 -13.53 1.48
C5A NAP C . 11.05 -14.50 0.56
C6A NAP C . 11.51 -15.89 0.66
N6A NAP C . 11.83 -16.38 1.88
N1A NAP C . 11.63 -16.59 -0.52
C2A NAP C . 11.28 -16.02 -1.70
N3A NAP C . 10.80 -14.77 -1.86
C4A NAP C . 10.67 -14.02 -0.76
O3 NAP C . 8.68 -6.23 -0.83
PN NAP C . 7.59 -6.21 0.34
O1N NAP C . 6.79 -5.01 -0.10
O2N NAP C . 6.93 -7.52 0.38
O5D NAP C . 8.18 -5.64 1.67
C5D NAP C . 8.48 -6.40 2.77
C4D NAP C . 8.50 -5.32 3.85
O4D NAP C . 7.25 -4.62 3.95
C3D NAP C . 8.72 -6.11 5.09
O3D NAP C . 9.27 -5.24 6.08
C2D NAP C . 7.30 -6.50 5.42
O2D NAP C . 7.28 -6.45 6.84
C1D NAP C . 6.42 -5.42 4.78
N1N NAP C . 5.23 -5.95 4.12
C2N NAP C . 4.83 -5.46 2.97
C3N NAP C . 3.68 -5.92 2.34
C7N NAP C . 3.25 -5.38 1.01
O7N NAP C . 2.07 -5.48 0.71
N7N NAP C . 4.16 -4.83 0.15
C4N NAP C . 2.90 -6.88 2.97
C5N NAP C . 3.34 -7.38 4.20
C6N NAP C . 4.49 -6.89 4.75
P2B NAP C . 6.53 -13.50 -1.50
O1X NAP C . 5.87 -13.23 -0.13
O2X NAP C . 7.68 -14.44 -1.34
O3X NAP C . 5.54 -13.76 -2.58
PA NAP D . -13.27 12.31 -0.12
O1A NAP D . -13.46 11.10 -1.00
O2A NAP D . -13.07 13.64 -0.80
O5B NAP D . -14.55 12.49 0.83
C5B NAP D . -15.80 12.79 0.25
C4B NAP D . -16.39 14.07 0.86
O4B NAP D . -16.90 13.89 2.16
C3B NAP D . -15.38 15.19 0.96
O3B NAP D . -15.13 15.73 -0.32
C2B NAP D . -16.03 16.10 1.96
O2B NAP D . -16.59 17.24 1.25
C1B NAP D . -17.05 15.19 2.66
N9A NAP D . -16.84 15.37 4.08
C8A NAP D . -15.66 15.28 4.79
N7A NAP D . -15.89 15.59 6.07
C5A NAP D . -17.18 15.88 6.21
C6A NAP D . -18.01 16.35 7.28
N6A NAP D . -17.52 16.51 8.57
N1A NAP D . -19.29 16.49 6.99
C2A NAP D . -19.83 16.32 5.76
N3A NAP D . -19.11 15.92 4.74
C4A NAP D . -17.80 15.70 4.90
O3 NAP D . -12.22 12.23 1.11
PN NAP D . -11.16 11.11 1.52
O1N NAP D . -10.32 11.72 2.66
O2N NAP D . -10.52 10.61 0.24
O5D NAP D . -12.07 10.02 2.28
C5D NAP D . -13.09 9.32 1.58
C4D NAP D . -13.21 7.95 2.24
O4D NAP D . -12.19 7.08 1.72
C3D NAP D . -13.06 7.95 3.75
O3D NAP D . -14.02 7.11 4.35
C2D NAP D . -11.65 7.46 3.97
O2D NAP D . -11.43 6.86 5.25
C1D NAP D . -11.45 6.50 2.79
N1N NAP D . -10.01 6.38 2.46
C2N NAP D . -9.47 7.24 1.58
C3N NAP D . -8.12 7.17 1.28
C7N NAP D . -7.47 8.07 0.29
O7N NAP D . -6.35 7.75 -0.04
N7N NAP D . -8.13 9.11 -0.30
C4N NAP D . -7.36 6.18 1.88
C5N NAP D . -7.94 5.26 2.73
C6N NAP D . -9.30 5.41 3.04
P2B NAP D . -16.98 18.62 2.05
O1X NAP D . -17.68 19.52 1.03
O2X NAP D . -17.84 18.34 3.19
O3X NAP D . -15.62 19.23 2.39
#